data_9U55
#
_entry.id   9U55
#
_cell.length_a   1.00
_cell.length_b   1.00
_cell.length_c   1.00
_cell.angle_alpha   90.00
_cell.angle_beta   90.00
_cell.angle_gamma   90.00
#
_symmetry.space_group_name_H-M   'P 1'
#
loop_
_entity.id
_entity.type
_entity.pdbx_description
1 polymer 'Isoform 2 of Solute carrier family 22 member 6'
2 non-polymer '4-(dipropylsulfamoyl)benzoic acid'
#
_entity_poly.entity_id   1
_entity_poly.type   'polypeptide(L)'
_entity_poly.pdbx_seq_one_letter_code
;MAFNDLLQQVGGVGRFQQIQVTLVVLPLLLMASHNTLQNFTAAIPTHHCRPPADANLSKNGGLEVWLPRDRQGQPESCLR
FTSPQWGLPFLNGTEANGTGATEPCTDGWIYDNSTFPSTIVTEWDLVCSHRALRQLAQSLYMVGVLLGAMVFGYLADRLG
RRKVLILNYLQTAVSGTCAAFAPNFPIYCAFRLLSGMALAGISLNCMTLNVEWMPIHTRACVGTLIGYVYSLGQFLLAGV
AYAVPHWRHLQLLVSAPFFAFFIYSWFFIESARWHSSSGRLDLTLRALQRVARINGKREEGAKLSMEVLRASLQKELTMG
KGQASAMELLRCPTLRHLFLCLSMLWFATSFAYYGLVMDLQGFGVSIYLIQVIFGAVDLPAKLVGFLVINSLGRRPAQMA
ALLLAGICILLNGVIPQDQSIVRTSLAVLGKGCLAASFNCIFLYTGELYPTMIRQTGMGMGSTMARVGSIVSPLVSMTAE
LYPSMPLFIYGAVPVAASAVTVLLPETLGQPLPDTVQDLESRKGKQTRQQQEHQKYMVPLQASAQEKNGLHHHHHHHHHH
GSVEDYKDDDDK
;
_entity_poly.pdbx_strand_id   A
#
loop_
_chem_comp.id
_chem_comp.type
_chem_comp.name
_chem_comp.formula
RTO non-polymer '4-(dipropylsulfamoyl)benzoic acid' 'C13 H19 N O4 S'
#
# COMPACT_ATOMS: atom_id res chain seq x y z
N ALA A 2 26.08 -11.38 -15.19
CA ALA A 2 26.30 -12.72 -14.68
C ALA A 2 26.50 -12.68 -13.17
N PHE A 3 26.00 -11.64 -12.54
CA PHE A 3 26.19 -11.49 -11.10
C PHE A 3 25.69 -12.73 -10.38
N ASN A 4 24.65 -13.35 -10.93
CA ASN A 4 24.07 -14.51 -10.27
C ASN A 4 25.16 -15.53 -9.99
N ASP A 5 26.06 -15.72 -10.95
CA ASP A 5 27.12 -16.69 -10.78
C ASP A 5 27.97 -16.33 -9.59
N LEU A 6 28.38 -15.07 -9.52
CA LEU A 6 29.22 -14.63 -8.42
C LEU A 6 28.45 -14.69 -7.13
N LEU A 7 27.15 -14.42 -7.21
CA LEU A 7 26.34 -14.40 -6.01
C LEU A 7 26.36 -15.75 -5.30
N GLN A 8 26.66 -16.80 -6.04
CA GLN A 8 26.65 -18.14 -5.45
C GLN A 8 28.03 -18.57 -4.98
N GLN A 9 29.05 -17.81 -5.35
CA GLN A 9 30.42 -18.15 -4.93
C GLN A 9 30.60 -17.63 -3.54
N VAL A 10 30.09 -16.43 -3.28
CA VAL A 10 30.20 -15.81 -1.96
C VAL A 10 29.01 -16.24 -1.12
N GLY A 11 28.88 -17.52 -0.80
CA GLY A 11 27.84 -18.00 0.10
C GLY A 11 26.39 -18.14 -0.32
N GLY A 12 25.99 -17.63 -1.48
CA GLY A 12 24.59 -17.65 -1.85
C GLY A 12 23.76 -17.03 -0.76
N VAL A 13 22.77 -17.74 -0.21
CA VAL A 13 22.02 -17.22 0.94
C VAL A 13 22.84 -17.69 2.13
N GLY A 14 23.27 -16.79 3.00
CA GLY A 14 24.11 -17.16 4.12
C GLY A 14 23.90 -16.11 5.17
N ARG A 15 24.76 -16.04 6.18
CA ARG A 15 24.52 -15.10 7.28
C ARG A 15 24.16 -13.72 6.80
N PHE A 16 24.89 -13.14 5.86
CA PHE A 16 24.60 -11.77 5.48
C PHE A 16 23.18 -11.59 4.93
N GLN A 17 22.71 -12.48 4.07
CA GLN A 17 21.38 -12.38 3.51
C GLN A 17 20.33 -12.64 4.56
N GLN A 18 20.55 -13.59 5.45
CA GLN A 18 19.60 -13.81 6.53
C GLN A 18 19.50 -12.59 7.45
N ILE A 19 20.63 -12.03 7.89
CA ILE A 19 20.63 -10.87 8.79
C ILE A 19 20.05 -9.65 8.10
N GLN A 20 20.60 -9.25 6.96
CA GLN A 20 20.14 -8.05 6.27
C GLN A 20 18.72 -8.15 5.80
N VAL A 21 18.25 -9.28 5.29
CA VAL A 21 16.89 -9.33 4.76
C VAL A 21 15.90 -9.25 5.93
N THR A 22 16.17 -9.93 7.05
CA THR A 22 15.30 -9.80 8.21
C THR A 22 15.18 -8.33 8.54
N LEU A 23 16.30 -7.64 8.67
CA LEU A 23 16.31 -6.23 9.04
C LEU A 23 15.64 -5.29 8.04
N VAL A 24 15.80 -5.54 6.76
CA VAL A 24 15.23 -4.67 5.71
C VAL A 24 13.72 -4.91 5.53
N VAL A 25 13.21 -6.12 5.84
CA VAL A 25 11.76 -6.41 5.76
C VAL A 25 11.00 -6.11 7.05
N LEU A 26 11.69 -5.91 8.15
CA LEU A 26 11.04 -5.54 9.41
C LEU A 26 10.28 -4.20 9.34
N PRO A 27 10.82 -3.21 8.61
CA PRO A 27 10.06 -1.96 8.53
C PRO A 27 8.71 -2.12 7.85
N LEU A 28 8.63 -3.01 6.87
CA LEU A 28 7.38 -3.15 6.12
C LEU A 28 6.22 -3.51 7.02
N LEU A 29 6.50 -4.23 8.09
CA LEU A 29 5.45 -4.60 9.02
C LEU A 29 4.64 -3.37 9.44
N LEU A 30 5.22 -2.19 9.33
CA LEU A 30 4.48 -0.97 9.65
C LEU A 30 4.03 -0.14 8.47
N MET A 31 4.09 -0.70 7.25
CA MET A 31 3.60 -0.01 6.07
C MET A 31 2.09 -0.09 6.10
N ALA A 32 1.55 -1.26 6.45
CA ALA A 32 0.11 -1.40 6.57
C ALA A 32 -0.38 -0.50 7.64
N SER A 33 0.37 -0.40 8.72
CA SER A 33 -0.04 0.42 9.84
C SER A 33 -0.18 1.86 9.44
N HIS A 34 0.69 2.37 8.59
CA HIS A 34 0.61 3.76 8.10
C HIS A 34 -0.41 4.01 6.99
N ASN A 35 -0.45 3.13 5.99
CA ASN A 35 -1.39 3.29 4.87
C ASN A 35 -2.80 3.36 5.38
N THR A 36 -3.19 2.45 6.27
CA THR A 36 -4.56 2.37 6.75
C THR A 36 -4.71 2.92 8.18
N LEU A 37 -3.80 3.78 8.62
CA LEU A 37 -3.81 4.32 9.96
C LEU A 37 -5.02 5.17 10.14
N GLN A 38 -5.49 5.85 9.10
CA GLN A 38 -6.59 6.79 9.30
C GLN A 38 -7.93 6.15 9.53
N ASN A 39 -7.98 4.84 9.64
CA ASN A 39 -9.23 4.19 9.95
C ASN A 39 -9.34 4.27 11.45
N PHE A 40 -8.20 4.31 12.12
CA PHE A 40 -8.19 4.45 13.58
C PHE A 40 -7.83 5.86 14.09
N THR A 41 -6.93 6.58 13.41
CA THR A 41 -6.56 7.95 13.82
C THR A 41 -7.58 8.96 13.35
N ALA A 42 -8.47 8.61 12.41
CA ALA A 42 -9.50 9.50 11.94
C ALA A 42 -10.91 8.97 12.08
N ALA A 43 -11.12 7.98 12.94
CA ALA A 43 -12.43 7.38 13.07
C ALA A 43 -13.40 8.47 13.41
N ILE A 44 -14.65 8.32 13.01
CA ILE A 44 -15.65 9.36 13.23
C ILE A 44 -16.50 9.00 14.44
N PRO A 45 -16.28 9.65 15.60
CA PRO A 45 -17.17 9.36 16.72
C PRO A 45 -18.53 9.95 16.43
N THR A 46 -19.59 9.45 17.06
CA THR A 46 -20.92 10.01 16.88
C THR A 46 -20.93 11.42 17.39
N HIS A 47 -21.35 12.39 16.60
CA HIS A 47 -21.26 13.78 16.99
C HIS A 47 -22.63 14.32 16.90
N HIS A 48 -23.00 15.16 17.84
CA HIS A 48 -24.29 15.80 17.80
C HIS A 48 -23.91 17.18 18.19
N CYS A 49 -24.71 18.15 17.83
CA CYS A 49 -24.35 19.52 18.10
C CYS A 49 -24.34 19.92 19.55
N ARG A 50 -23.47 20.86 19.89
CA ARG A 50 -23.39 21.33 21.26
C ARG A 50 -24.56 22.29 21.49
N PRO A 51 -25.37 22.07 22.54
CA PRO A 51 -26.45 22.99 22.84
C PRO A 51 -25.88 24.35 23.17
N PRO A 52 -26.64 25.43 22.94
CA PRO A 52 -26.08 26.77 23.16
C PRO A 52 -25.62 26.95 24.58
N ALA A 53 -24.45 27.56 24.77
CA ALA A 53 -23.89 27.70 26.11
C ALA A 53 -24.79 28.45 27.07
N ASP A 54 -25.43 29.51 26.60
CA ASP A 54 -26.30 30.30 27.45
C ASP A 54 -27.40 29.43 28.01
N ALA A 55 -27.92 28.54 27.18
CA ALA A 55 -28.99 27.65 27.61
C ALA A 55 -28.52 26.71 28.72
N ASN A 56 -29.36 26.50 29.75
CA ASN A 56 -28.98 25.64 30.87
C ASN A 56 -29.62 24.31 30.62
N LEU A 63 -30.07 17.46 25.97
CA LEU A 63 -30.08 17.46 24.51
C LEU A 63 -31.46 17.38 23.89
N GLU A 64 -32.42 16.76 24.56
CA GLU A 64 -33.73 16.59 23.92
C GLU A 64 -34.28 17.89 23.35
N VAL A 65 -34.24 18.97 24.12
CA VAL A 65 -34.83 20.25 23.70
C VAL A 65 -34.03 20.96 22.64
N TRP A 66 -32.71 20.77 22.61
CA TRP A 66 -31.86 21.51 21.68
C TRP A 66 -31.37 20.77 20.45
N LEU A 67 -31.83 19.54 20.24
CA LEU A 67 -31.36 18.74 19.10
C LEU A 67 -32.45 18.16 18.20
N PRO A 68 -32.47 18.53 16.90
CA PRO A 68 -33.46 17.91 16.02
C PRO A 68 -33.16 16.43 15.84
N ARG A 69 -34.18 15.55 15.73
CA ARG A 69 -33.95 14.10 15.61
C ARG A 69 -34.21 13.58 14.20
N ASP A 70 -33.34 12.70 13.71
CA ASP A 70 -33.49 12.12 12.38
C ASP A 70 -34.49 10.96 12.42
N ARG A 71 -34.83 10.38 11.28
CA ARG A 71 -35.74 9.22 11.24
C ARG A 71 -35.35 8.14 12.25
N GLN A 72 -34.06 7.85 12.40
CA GLN A 72 -33.60 6.83 13.35
C GLN A 72 -33.96 7.15 14.80
N GLY A 73 -34.28 8.40 15.11
CA GLY A 73 -34.57 8.79 16.48
C GLY A 73 -33.32 9.15 17.25
N GLN A 74 -32.17 9.23 16.56
CA GLN A 74 -30.92 9.62 17.20
C GLN A 74 -30.71 11.10 16.96
N PRO A 75 -29.97 11.79 17.85
CA PRO A 75 -29.83 13.23 17.62
C PRO A 75 -29.12 13.57 16.31
N GLU A 76 -29.61 14.54 15.55
CA GLU A 76 -29.01 14.90 14.26
C GLU A 76 -27.62 15.49 14.43
N SER A 77 -26.67 15.03 13.63
CA SER A 77 -25.29 15.49 13.75
C SER A 77 -24.98 16.93 13.43
N CYS A 78 -25.57 17.49 12.38
CA CYS A 78 -25.21 18.83 11.92
C CYS A 78 -26.17 19.98 12.18
N LEU A 79 -27.17 19.77 13.02
CA LEU A 79 -28.16 20.82 13.27
C LEU A 79 -28.57 20.92 14.72
N ARG A 80 -28.95 22.11 15.16
CA ARG A 80 -29.42 22.33 16.53
C ARG A 80 -30.58 23.28 16.41
N PHE A 81 -31.52 23.26 17.34
CA PHE A 81 -32.69 24.11 17.22
C PHE A 81 -32.32 25.56 17.52
N THR A 82 -32.89 26.50 16.77
CA THR A 82 -32.61 27.90 17.00
C THR A 82 -33.15 28.35 18.33
N SER A 83 -34.35 27.90 18.67
CA SER A 83 -34.98 28.32 19.91
C SER A 83 -35.33 27.07 20.67
N PRO A 84 -35.45 27.14 22.01
CA PRO A 84 -35.72 25.87 22.70
C PRO A 84 -37.09 25.28 22.38
N GLN A 85 -37.13 24.08 21.79
CA GLN A 85 -38.40 23.44 21.46
C GLN A 85 -38.81 22.44 22.56
N TRP A 86 -39.98 22.63 23.18
CA TRP A 86 -40.46 21.72 24.24
C TRP A 86 -41.48 20.74 23.70
N GLY A 87 -41.30 19.47 24.00
CA GLY A 87 -42.21 18.44 23.51
C GLY A 87 -42.01 18.18 22.03
N THR A 102 -33.92 25.25 12.43
CA THR A 102 -32.66 24.63 12.75
C THR A 102 -31.48 25.46 12.27
N GLU A 103 -30.56 25.78 13.16
CA GLU A 103 -29.40 26.59 12.80
C GLU A 103 -28.21 25.68 12.72
N PRO A 104 -27.25 26.02 11.84
CA PRO A 104 -26.02 25.21 11.84
C PRO A 104 -25.42 25.40 13.20
N CYS A 105 -24.52 24.54 13.63
CA CYS A 105 -24.04 24.66 15.00
C CYS A 105 -22.78 25.48 15.15
N THR A 106 -22.93 26.68 15.71
CA THR A 106 -21.79 27.56 15.90
C THR A 106 -20.97 27.14 17.11
N ASP A 107 -21.65 26.67 18.16
CA ASP A 107 -20.89 26.35 19.39
C ASP A 107 -20.15 25.03 19.39
N GLY A 108 -19.99 24.36 18.25
CA GLY A 108 -19.20 23.15 18.18
C GLY A 108 -19.99 21.89 18.37
N TRP A 109 -19.30 20.76 18.48
CA TRP A 109 -19.99 19.49 18.57
C TRP A 109 -19.57 18.70 19.78
N ILE A 110 -20.44 17.85 20.30
CA ILE A 110 -20.08 17.00 21.41
C ILE A 110 -19.92 15.62 20.82
N TYR A 111 -18.77 15.01 20.98
CA TYR A 111 -18.49 13.73 20.36
C TYR A 111 -18.52 12.62 21.38
N ASP A 112 -19.05 11.47 21.01
CA ASP A 112 -19.06 10.33 21.92
C ASP A 112 -17.64 9.91 22.19
N ASN A 113 -17.28 9.69 23.47
CA ASN A 113 -15.92 9.31 23.85
C ASN A 113 -15.83 7.85 24.25
N SER A 114 -16.90 7.08 24.05
CA SER A 114 -16.91 5.69 24.47
C SER A 114 -15.88 4.86 23.74
N THR A 115 -15.85 4.97 22.42
CA THR A 115 -14.95 4.15 21.62
C THR A 115 -13.69 4.90 21.25
N PHE A 116 -13.81 6.16 20.79
CA PHE A 116 -12.67 6.93 20.31
C PHE A 116 -12.41 8.16 21.19
N PRO A 117 -11.40 8.11 22.07
CA PRO A 117 -11.17 9.31 22.86
C PRO A 117 -10.89 10.53 21.97
N SER A 118 -9.91 10.45 21.07
CA SER A 118 -9.60 11.53 20.17
C SER A 118 -9.24 10.98 18.82
N THR A 119 -9.53 11.73 17.77
CA THR A 119 -9.23 11.34 16.41
C THR A 119 -8.98 12.68 15.76
N ILE A 120 -8.43 12.72 14.56
CA ILE A 120 -8.22 13.99 13.87
C ILE A 120 -9.58 14.63 13.68
N VAL A 121 -10.60 13.81 13.48
CA VAL A 121 -11.98 14.30 13.29
C VAL A 121 -12.51 15.05 14.51
N THR A 122 -12.23 14.56 15.71
CA THR A 122 -12.68 15.21 16.93
C THR A 122 -11.86 16.44 17.20
N GLU A 123 -10.55 16.35 17.00
CA GLU A 123 -9.65 17.46 17.27
C GLU A 123 -9.90 18.69 16.44
N TRP A 124 -10.10 18.50 15.15
CA TRP A 124 -10.25 19.65 14.25
C TRP A 124 -11.63 19.86 13.73
N ASP A 125 -12.61 19.22 14.32
CA ASP A 125 -14.01 19.37 13.90
C ASP A 125 -14.19 19.10 12.44
N LEU A 126 -13.55 18.04 11.92
CA LEU A 126 -13.64 17.68 10.50
C LEU A 126 -14.94 16.93 10.42
N VAL A 127 -16.05 17.64 10.59
CA VAL A 127 -17.33 17.02 10.67
C VAL A 127 -18.31 17.92 9.96
N CYS A 128 -19.44 17.38 9.51
CA CYS A 128 -20.46 18.19 8.84
C CYS A 128 -19.89 18.84 7.59
N SER A 129 -19.90 20.16 7.45
CA SER A 129 -19.47 20.76 6.19
C SER A 129 -18.05 20.36 5.82
N HIS A 130 -17.17 20.22 6.80
CA HIS A 130 -15.77 19.86 6.55
C HIS A 130 -15.49 18.35 6.58
N ARG A 131 -16.49 17.52 6.36
CA ARG A 131 -16.30 16.06 6.43
C ARG A 131 -15.38 15.53 5.36
N ALA A 132 -15.33 16.21 4.22
CA ALA A 132 -14.51 15.76 3.11
C ALA A 132 -13.06 15.86 3.42
N LEU A 133 -12.70 16.69 4.39
CA LEU A 133 -11.30 16.89 4.75
C LEU A 133 -10.67 15.61 5.25
N ARG A 134 -11.43 14.77 5.92
CA ARG A 134 -10.90 13.53 6.44
C ARG A 134 -10.37 12.68 5.30
N GLN A 135 -11.08 12.63 4.17
CA GLN A 135 -10.65 11.86 3.00
C GLN A 135 -9.58 12.61 2.21
N LEU A 136 -9.61 13.94 2.16
CA LEU A 136 -8.55 14.71 1.52
C LEU A 136 -7.20 14.38 2.12
N ALA A 137 -7.15 14.16 3.42
CA ALA A 137 -5.90 13.79 4.06
C ALA A 137 -5.39 12.43 3.63
N GLN A 138 -6.25 11.44 3.46
CA GLN A 138 -5.81 10.15 2.93
C GLN A 138 -5.32 10.29 1.50
N SER A 139 -6.02 11.07 0.69
CA SER A 139 -5.61 11.27 -0.68
C SER A 139 -4.27 11.97 -0.73
N LEU A 140 -4.04 12.95 0.13
CA LEU A 140 -2.74 13.62 0.20
C LEU A 140 -1.61 12.70 0.64
N TYR A 141 -1.86 11.81 1.58
CA TYR A 141 -0.84 10.86 1.97
C TYR A 141 -0.50 10.05 0.76
N MET A 142 -1.49 9.63 -0.01
CA MET A 142 -1.25 8.78 -1.19
C MET A 142 -0.64 9.57 -2.34
N VAL A 143 -0.88 10.87 -2.42
CA VAL A 143 -0.21 11.70 -3.43
C VAL A 143 1.24 11.64 -3.07
N GLY A 144 1.54 11.66 -1.78
CA GLY A 144 2.91 11.53 -1.33
C GLY A 144 3.50 10.20 -1.69
N VAL A 145 2.74 9.12 -1.59
CA VAL A 145 3.22 7.79 -1.97
C VAL A 145 3.55 7.72 -3.47
N LEU A 146 2.73 8.32 -4.32
CA LEU A 146 3.01 8.37 -5.77
C LEU A 146 4.26 9.19 -6.03
N LEU A 147 4.37 10.36 -5.41
CA LEU A 147 5.54 11.22 -5.57
C LEU A 147 6.79 10.54 -5.07
N GLY A 148 6.72 9.81 -3.98
CA GLY A 148 7.87 9.18 -3.40
C GLY A 148 8.36 8.01 -4.20
N ALA A 149 7.47 7.25 -4.79
CA ALA A 149 7.92 6.17 -5.64
C ALA A 149 8.80 6.75 -6.74
N MET A 150 8.43 7.91 -7.28
CA MET A 150 9.17 8.50 -8.38
C MET A 150 10.45 9.24 -7.97
N VAL A 151 10.35 10.11 -6.96
CA VAL A 151 11.51 10.87 -6.50
C VAL A 151 12.55 9.91 -5.97
N PHE A 152 12.19 9.08 -5.01
CA PHE A 152 13.15 8.14 -4.41
C PHE A 152 13.62 7.05 -5.34
N GLY A 153 12.85 6.69 -6.35
CA GLY A 153 13.32 5.75 -7.34
C GLY A 153 14.47 6.36 -8.14
N TYR A 154 14.35 7.62 -8.55
CA TYR A 154 15.44 8.30 -9.24
C TYR A 154 16.60 8.48 -8.30
N LEU A 155 16.33 8.90 -7.07
CA LEU A 155 17.41 9.17 -6.16
C LEU A 155 18.17 7.90 -5.80
N ALA A 156 17.51 6.75 -5.83
CA ALA A 156 18.15 5.50 -5.45
C ALA A 156 19.13 5.10 -6.52
N ASP A 157 18.78 5.35 -7.78
CA ASP A 157 19.66 5.02 -8.88
C ASP A 157 20.84 5.97 -8.93
N ARG A 158 20.69 7.14 -8.32
CA ARG A 158 21.76 8.12 -8.31
C ARG A 158 22.62 8.04 -7.06
N LEU A 159 22.01 7.80 -5.88
CA LEU A 159 22.76 7.79 -4.60
C LEU A 159 22.92 6.44 -3.91
N GLY A 160 22.22 5.41 -4.36
CA GLY A 160 22.38 4.08 -3.79
C GLY A 160 21.12 3.62 -3.13
N ARG A 161 20.85 2.32 -3.16
CA ARG A 161 19.68 1.80 -2.52
C ARG A 161 19.75 2.03 -1.03
N ARG A 162 20.93 1.81 -0.45
CA ARG A 162 21.12 2.04 0.99
C ARG A 162 21.04 3.47 1.47
N LYS A 163 21.68 4.42 0.80
CA LYS A 163 21.70 5.79 1.32
C LYS A 163 20.31 6.31 1.25
N VAL A 164 19.59 6.01 0.18
CA VAL A 164 18.19 6.41 0.08
C VAL A 164 17.34 5.72 1.14
N LEU A 165 17.58 4.47 1.51
CA LEU A 165 16.84 3.85 2.62
C LEU A 165 17.10 4.54 3.95
N ILE A 166 18.35 4.89 4.26
CA ILE A 166 18.68 5.54 5.51
C ILE A 166 17.92 6.84 5.61
N LEU A 167 17.92 7.63 4.54
CA LEU A 167 17.22 8.91 4.55
C LEU A 167 15.72 8.72 4.61
N ASN A 168 15.19 7.66 4.03
CA ASN A 168 13.76 7.38 4.11
C ASN A 168 13.31 6.95 5.49
N TYR A 169 14.11 6.19 6.23
CA TYR A 169 13.75 5.85 7.59
C TYR A 169 13.68 7.10 8.44
N LEU A 170 14.62 8.02 8.25
CA LEU A 170 14.62 9.26 9.00
C LEU A 170 13.45 10.16 8.64
N GLN A 171 13.10 10.27 7.36
CA GLN A 171 11.97 11.07 6.93
C GLN A 171 10.64 10.56 7.44
N THR A 172 10.40 9.25 7.39
CA THR A 172 9.17 8.68 7.93
C THR A 172 9.08 8.94 9.42
N ALA A 173 10.19 8.79 10.13
CA ALA A 173 10.20 9.02 11.55
C ALA A 173 9.95 10.46 11.91
N VAL A 174 10.66 11.39 11.26
CA VAL A 174 10.47 12.80 11.54
C VAL A 174 9.10 13.30 11.10
N SER A 175 8.67 12.96 9.90
CA SER A 175 7.39 13.40 9.41
C SER A 175 6.24 12.81 10.20
N GLY A 176 6.27 11.52 10.47
CA GLY A 176 5.25 10.91 11.30
C GLY A 176 5.20 11.44 12.71
N THR A 177 6.34 11.65 13.35
CA THR A 177 6.35 12.23 14.68
C THR A 177 5.80 13.65 14.67
N CYS A 178 6.20 14.45 13.69
CA CYS A 178 5.70 15.82 13.59
C CYS A 178 4.21 15.84 13.26
N ALA A 179 3.70 14.86 12.52
CA ALA A 179 2.26 14.77 12.26
C ALA A 179 1.51 14.52 13.54
N ALA A 180 2.06 13.70 14.43
CA ALA A 180 1.44 13.42 15.72
C ALA A 180 1.37 14.65 16.57
N PHE A 181 2.29 15.60 16.40
CA PHE A 181 2.29 16.83 17.15
C PHE A 181 1.88 18.00 16.29
N ALA A 182 1.11 17.74 15.24
CA ALA A 182 0.64 18.80 14.35
C ALA A 182 -0.29 19.69 15.09
N PRO A 183 -0.14 21.03 14.92
CA PRO A 183 -1.01 21.93 15.67
C PRO A 183 -2.30 22.27 14.93
N ASN A 184 -2.35 22.09 13.61
CA ASN A 184 -3.52 22.41 12.81
C ASN A 184 -3.63 21.45 11.65
N PHE A 185 -4.76 21.42 10.94
CA PHE A 185 -4.97 20.45 9.88
C PHE A 185 -4.08 20.63 8.67
N PRO A 186 -3.88 21.86 8.17
CA PRO A 186 -2.95 21.92 7.04
C PRO A 186 -1.60 21.27 7.35
N ILE A 187 -1.05 21.49 8.54
CA ILE A 187 0.25 20.91 8.94
C ILE A 187 0.22 19.39 9.05
N TYR A 188 -0.85 18.81 9.55
CA TYR A 188 -0.95 17.36 9.61
C TYR A 188 -0.90 16.79 8.21
N CYS A 189 -1.58 17.42 7.26
CA CYS A 189 -1.62 16.92 5.89
C CYS A 189 -0.27 17.02 5.22
N ALA A 190 0.47 18.08 5.49
CA ALA A 190 1.79 18.25 4.91
C ALA A 190 2.75 17.20 5.40
N PHE A 191 2.71 16.88 6.70
CA PHE A 191 3.59 15.88 7.27
C PHE A 191 3.13 14.49 6.98
N ARG A 192 1.88 14.30 6.59
CA ARG A 192 1.41 12.99 6.16
C ARG A 192 1.82 12.76 4.70
N LEU A 193 1.86 13.78 3.85
CA LEU A 193 2.31 13.58 2.47
C LEU A 193 3.78 13.18 2.53
N LEU A 194 4.58 13.86 3.33
CA LEU A 194 6.01 13.58 3.45
C LEU A 194 6.24 12.22 4.08
N SER A 195 5.36 11.79 4.97
CA SER A 195 5.47 10.45 5.54
C SER A 195 5.28 9.43 4.47
N GLY A 196 4.33 9.66 3.57
CA GLY A 196 4.06 8.73 2.51
C GLY A 196 5.14 8.69 1.47
N MET A 197 5.76 9.84 1.20
CA MET A 197 6.83 9.91 0.22
C MET A 197 7.96 9.04 0.68
N ALA A 198 8.29 9.12 1.96
CA ALA A 198 9.38 8.33 2.49
C ALA A 198 9.03 6.88 2.47
N LEU A 199 7.82 6.54 2.91
CA LEU A 199 7.37 5.15 2.94
C LEU A 199 7.33 4.52 1.56
N ALA A 200 6.99 5.28 0.53
CA ALA A 200 7.03 4.75 -0.83
C ALA A 200 8.42 4.35 -1.21
N GLY A 201 9.40 5.13 -0.78
CA GLY A 201 10.78 4.81 -1.06
C GLY A 201 11.28 3.64 -0.24
N ILE A 202 10.76 3.44 0.96
CA ILE A 202 11.12 2.27 1.76
C ILE A 202 10.62 1.00 1.09
N SER A 203 9.37 0.99 0.64
CA SER A 203 8.81 -0.20 0.02
C SER A 203 9.56 -0.60 -1.24
N LEU A 204 9.95 0.37 -2.05
CA LEU A 204 10.70 0.10 -3.26
C LEU A 204 12.11 -0.37 -2.95
N ASN A 205 12.88 0.44 -2.23
CA ASN A 205 14.27 0.11 -1.93
C ASN A 205 14.41 -1.14 -1.09
N CYS A 206 13.32 -1.57 -0.46
CA CYS A 206 13.37 -2.81 0.28
C CYS A 206 13.53 -3.93 -0.71
N MET A 207 12.65 -3.97 -1.70
CA MET A 207 12.73 -5.00 -2.71
C MET A 207 14.08 -4.96 -3.39
N THR A 208 14.42 -3.84 -3.99
CA THR A 208 15.67 -3.78 -4.74
C THR A 208 16.87 -4.24 -3.93
N LEU A 209 17.02 -3.79 -2.70
CA LEU A 209 18.24 -4.16 -1.97
C LEU A 209 18.26 -5.65 -1.64
N ASN A 210 17.12 -6.21 -1.26
CA ASN A 210 17.04 -7.64 -0.94
C ASN A 210 17.13 -8.50 -2.18
N VAL A 211 16.37 -8.19 -3.21
CA VAL A 211 16.37 -8.97 -4.44
C VAL A 211 17.76 -8.96 -5.08
N GLU A 212 18.43 -7.81 -5.10
CA GLU A 212 19.75 -7.70 -5.72
C GLU A 212 20.86 -8.37 -4.94
N TRP A 213 20.68 -8.54 -3.62
CA TRP A 213 21.67 -9.24 -2.81
C TRP A 213 21.31 -10.70 -2.64
N MET A 214 20.26 -11.12 -3.34
CA MET A 214 19.83 -12.54 -3.30
C MET A 214 19.77 -13.12 -4.71
N PRO A 215 19.72 -14.47 -4.81
CA PRO A 215 19.73 -15.13 -6.13
C PRO A 215 18.56 -14.74 -7.02
N ILE A 216 18.72 -14.92 -8.33
CA ILE A 216 17.66 -14.54 -9.27
C ILE A 216 16.45 -15.46 -9.20
N HIS A 217 16.68 -16.76 -9.12
CA HIS A 217 15.57 -17.69 -9.11
C HIS A 217 14.62 -17.34 -7.98
N THR A 218 15.16 -16.90 -6.85
CA THR A 218 14.34 -16.53 -5.70
C THR A 218 13.86 -15.10 -5.85
N ARG A 219 13.42 -14.73 -7.04
CA ARG A 219 12.92 -13.38 -7.27
C ARG A 219 11.47 -13.31 -6.86
N ALA A 220 10.86 -14.45 -6.55
CA ALA A 220 9.44 -14.47 -6.22
C ALA A 220 9.22 -14.75 -4.76
N CYS A 221 10.05 -15.62 -4.18
CA CYS A 221 9.94 -15.87 -2.76
C CYS A 221 10.10 -14.54 -2.04
N VAL A 222 11.02 -13.72 -2.51
CA VAL A 222 11.18 -12.39 -1.92
C VAL A 222 9.91 -11.60 -2.13
N GLY A 223 9.37 -11.66 -3.34
CA GLY A 223 8.13 -10.97 -3.63
C GLY A 223 7.03 -11.49 -2.75
N THR A 224 7.26 -12.66 -2.15
CA THR A 224 6.28 -13.25 -1.26
C THR A 224 6.57 -12.87 0.19
N LEU A 225 7.73 -13.23 0.73
CA LEU A 225 7.94 -12.84 2.11
C LEU A 225 7.56 -11.39 2.30
N ILE A 226 7.95 -10.52 1.38
CA ILE A 226 7.63 -9.12 1.49
C ILE A 226 6.12 -8.94 1.49
N GLY A 227 5.42 -9.70 0.66
CA GLY A 227 3.97 -9.61 0.61
C GLY A 227 3.27 -10.05 1.87
N TYR A 228 3.74 -11.12 2.50
CA TYR A 228 3.14 -11.59 3.74
C TYR A 228 3.57 -10.77 4.94
N VAL A 229 4.74 -10.15 4.88
CA VAL A 229 5.16 -9.29 5.96
C VAL A 229 4.29 -8.04 5.98
N TYR A 230 3.71 -7.67 4.84
CA TYR A 230 2.79 -6.54 4.82
C TYR A 230 1.46 -6.95 5.42
N SER A 231 0.95 -8.11 5.04
CA SER A 231 -0.30 -8.64 5.59
C SER A 231 -0.28 -8.80 7.09
N LEU A 232 0.83 -9.23 7.66
CA LEU A 232 0.95 -9.34 9.12
C LEU A 232 0.92 -7.96 9.73
N GLY A 233 1.27 -6.94 8.96
CA GLY A 233 1.20 -5.59 9.44
C GLY A 233 -0.20 -5.18 9.80
N GLN A 234 -1.19 -5.75 9.14
CA GLN A 234 -2.59 -5.45 9.42
C GLN A 234 -3.02 -5.93 10.79
N PHE A 235 -2.50 -7.06 11.24
CA PHE A 235 -2.79 -7.49 12.61
C PHE A 235 -2.05 -6.60 13.57
N LEU A 236 -0.88 -6.11 13.20
CA LEU A 236 -0.13 -5.19 14.06
C LEU A 236 -0.90 -3.90 14.27
N LEU A 237 -1.53 -3.36 13.24
CA LEU A 237 -2.33 -2.14 13.39
C LEU A 237 -3.51 -2.37 14.29
N ALA A 238 -4.16 -3.51 14.19
CA ALA A 238 -5.28 -3.81 15.03
C ALA A 238 -4.80 -3.89 16.45
N GLY A 239 -3.75 -4.67 16.75
CA GLY A 239 -3.37 -4.77 18.16
C GLY A 239 -2.88 -3.45 18.72
N VAL A 240 -2.05 -2.72 17.99
CA VAL A 240 -1.53 -1.44 18.46
C VAL A 240 -2.61 -0.39 18.67
N ALA A 241 -3.56 -0.27 17.73
CA ALA A 241 -4.66 0.68 17.86
C ALA A 241 -5.56 0.39 19.03
N TYR A 242 -5.77 -0.86 19.41
CA TYR A 242 -6.57 -1.13 20.58
C TYR A 242 -5.87 -0.59 21.80
N ALA A 243 -4.58 -0.84 21.91
CA ALA A 243 -3.80 -0.39 23.05
C ALA A 243 -3.68 1.10 23.18
N VAL A 244 -3.49 1.79 22.05
CA VAL A 244 -3.27 3.23 22.05
C VAL A 244 -4.37 3.85 21.20
N PRO A 245 -5.56 4.05 21.78
CA PRO A 245 -6.67 4.63 21.03
C PRO A 245 -6.48 6.08 20.60
N HIS A 246 -5.85 6.93 21.42
CA HIS A 246 -5.70 8.35 21.11
C HIS A 246 -4.89 8.50 19.87
N TRP A 247 -5.21 9.46 19.00
CA TRP A 247 -4.54 9.54 17.71
C TRP A 247 -3.13 10.07 17.73
N ARG A 248 -2.84 11.06 18.56
CA ARG A 248 -1.50 11.60 18.65
C ARG A 248 -0.59 10.54 19.18
N HIS A 249 -1.04 9.79 20.18
CA HIS A 249 -0.26 8.68 20.72
C HIS A 249 -0.11 7.52 19.75
N LEU A 250 -1.14 7.20 18.99
CA LEU A 250 -1.07 6.10 18.01
C LEU A 250 -0.19 6.47 16.85
N GLN A 251 -0.27 7.70 16.35
CA GLN A 251 0.61 8.15 15.28
C GLN A 251 2.07 8.19 15.74
N LEU A 252 2.33 8.67 16.95
CA LEU A 252 3.71 8.62 17.46
C LEU A 252 4.23 7.19 17.59
N LEU A 253 3.43 6.27 18.11
CA LEU A 253 3.86 4.88 18.30
C LEU A 253 4.16 4.17 16.99
N VAL A 254 3.37 4.44 15.97
CA VAL A 254 3.59 3.84 14.67
C VAL A 254 4.75 4.53 13.95
N SER A 255 5.09 5.78 14.29
CA SER A 255 6.23 6.37 13.61
C SER A 255 7.52 6.31 14.41
N ALA A 256 7.47 6.11 15.70
CA ALA A 256 8.69 6.15 16.48
C ALA A 256 9.61 4.97 16.21
N PRO A 257 9.07 3.82 15.81
CA PRO A 257 9.98 2.73 15.47
C PRO A 257 10.97 3.07 14.36
N PHE A 258 10.61 3.95 13.44
CA PHE A 258 11.48 4.25 12.30
C PHE A 258 12.69 5.07 12.63
N PHE A 259 12.85 5.47 13.88
CA PHE A 259 14.06 6.18 14.27
C PHE A 259 15.04 5.10 14.62
N ALA A 260 14.53 3.98 15.13
CA ALA A 260 15.39 2.84 15.46
C ALA A 260 15.85 2.19 14.19
N PHE A 261 15.01 2.17 13.18
CA PHE A 261 15.39 1.61 11.89
C PHE A 261 16.49 2.47 11.29
N PHE A 262 16.35 3.77 11.36
CA PHE A 262 17.36 4.68 10.86
C PHE A 262 18.68 4.43 11.55
N ILE A 263 18.71 4.08 12.82
CA ILE A 263 19.98 3.95 13.54
C ILE A 263 20.76 2.72 13.12
N TYR A 264 20.08 1.60 12.88
CA TYR A 264 20.77 0.37 12.44
C TYR A 264 20.96 0.29 10.93
N SER A 265 20.21 1.08 10.17
CA SER A 265 20.37 1.09 8.72
C SER A 265 21.71 1.62 8.29
N TRP A 266 22.47 2.22 9.20
CA TRP A 266 23.78 2.64 8.73
C TRP A 266 24.73 1.49 8.45
N PHE A 267 24.45 0.30 8.99
CA PHE A 267 25.31 -0.86 8.84
C PHE A 267 24.92 -1.75 7.67
N PHE A 268 23.92 -1.35 6.88
CA PHE A 268 23.56 -2.10 5.69
C PHE A 268 24.69 -2.06 4.67
N ILE A 269 24.77 -3.10 3.86
CA ILE A 269 25.77 -3.19 2.79
C ILE A 269 25.11 -2.79 1.48
N GLU A 270 25.66 -1.82 0.76
CA GLU A 270 25.05 -1.34 -0.47
C GLU A 270 25.11 -2.42 -1.54
N SER A 271 24.09 -2.46 -2.42
CA SER A 271 24.05 -3.46 -3.46
C SER A 271 25.29 -3.44 -4.33
N ALA A 272 25.98 -4.57 -4.42
CA ALA A 272 27.15 -4.67 -5.28
C ALA A 272 26.73 -4.51 -6.72
N ARG A 273 25.53 -4.95 -7.06
CA ARG A 273 25.02 -4.77 -8.41
C ARG A 273 24.86 -3.31 -8.79
N TRP A 274 24.41 -2.47 -7.86
CA TRP A 274 24.30 -1.04 -8.14
C TRP A 274 25.70 -0.47 -8.34
N HIS A 275 26.66 -0.95 -7.60
CA HIS A 275 28.04 -0.50 -7.72
C HIS A 275 28.62 -0.87 -9.08
N SER A 276 28.34 -2.08 -9.54
CA SER A 276 28.87 -2.52 -10.82
C SER A 276 28.25 -1.69 -11.94
N SER A 277 26.96 -1.43 -11.84
CA SER A 277 26.27 -0.65 -12.88
C SER A 277 26.80 0.76 -12.97
N SER A 278 27.14 1.34 -11.82
CA SER A 278 27.65 2.71 -11.80
C SER A 278 28.97 2.85 -12.54
N GLY A 279 29.81 1.81 -12.50
CA GLY A 279 31.13 1.86 -13.10
C GLY A 279 32.16 1.63 -12.02
N ARG A 280 31.76 1.69 -10.76
CA ARG A 280 32.68 1.43 -9.65
C ARG A 280 32.75 -0.05 -9.29
N LEU A 281 33.57 -0.82 -10.00
CA LEU A 281 33.76 -2.23 -9.64
C LEU A 281 34.61 -2.31 -8.38
N ASP A 282 35.33 -1.26 -8.02
CA ASP A 282 36.08 -1.24 -6.76
C ASP A 282 35.15 -1.46 -5.56
N LEU A 283 33.94 -0.93 -5.64
CA LEU A 283 32.98 -1.10 -4.56
C LEU A 283 32.23 -2.41 -4.73
N THR A 284 32.10 -2.95 -5.93
CA THR A 284 31.52 -4.28 -6.12
C THR A 284 32.42 -5.28 -5.45
N LEU A 285 33.72 -5.12 -5.59
CA LEU A 285 34.68 -6.04 -5.01
C LEU A 285 34.67 -5.91 -3.50
N ARG A 286 34.63 -4.69 -2.98
CA ARG A 286 34.63 -4.46 -1.54
C ARG A 286 33.38 -5.04 -0.89
N ALA A 287 32.22 -4.90 -1.53
CA ALA A 287 31.01 -5.47 -0.98
C ALA A 287 31.06 -7.00 -1.02
N LEU A 288 31.49 -7.57 -2.14
CA LEU A 288 31.57 -9.01 -2.27
C LEU A 288 32.56 -9.63 -1.28
N GLN A 289 33.68 -8.98 -1.02
CA GLN A 289 34.61 -9.50 -0.03
C GLN A 289 34.07 -9.37 1.39
N ARG A 290 33.47 -8.25 1.74
CA ARG A 290 32.83 -8.07 3.04
C ARG A 290 31.78 -9.16 3.29
N VAL A 291 30.96 -9.45 2.28
CA VAL A 291 29.95 -10.49 2.43
C VAL A 291 30.60 -11.85 2.62
N ALA A 292 31.70 -12.11 1.90
CA ALA A 292 32.41 -13.36 2.07
C ALA A 292 32.98 -13.50 3.47
N ARG A 293 33.40 -12.41 4.10
CA ARG A 293 33.82 -12.51 5.49
C ARG A 293 32.59 -12.85 6.34
N ILE A 294 31.48 -12.16 6.12
CA ILE A 294 30.26 -12.39 6.91
C ILE A 294 29.67 -13.79 6.71
N ASN A 295 29.59 -14.28 5.47
CA ASN A 295 29.00 -15.59 5.20
C ASN A 295 29.93 -16.70 5.63
N GLY A 296 31.21 -16.40 5.85
CA GLY A 296 32.14 -17.41 6.33
C GLY A 296 32.98 -18.06 5.26
N LYS A 297 32.69 -17.78 3.99
CA LYS A 297 33.49 -18.32 2.89
C LYS A 297 34.58 -17.29 2.59
N ARG A 298 35.51 -17.09 3.53
CA ARG A 298 36.54 -16.05 3.39
C ARG A 298 37.55 -16.38 2.32
N GLU A 299 38.08 -17.61 2.29
CA GLU A 299 38.98 -18.04 1.23
C GLU A 299 38.42 -17.69 -0.13
N GLU A 300 37.17 -18.05 -0.37
CA GLU A 300 36.59 -17.82 -1.69
C GLU A 300 36.50 -16.32 -1.99
N GLY A 301 36.31 -15.47 -0.97
CA GLY A 301 36.28 -14.04 -1.22
C GLY A 301 37.63 -13.48 -1.61
N ALA A 302 38.69 -13.97 -1.00
CA ALA A 302 40.04 -13.49 -1.31
C ALA A 302 40.34 -13.79 -2.76
N LYS A 303 39.87 -14.92 -3.25
CA LYS A 303 40.08 -15.28 -4.63
C LYS A 303 39.46 -14.23 -5.54
N LEU A 304 38.32 -13.69 -5.15
CA LEU A 304 37.64 -12.69 -5.98
C LEU A 304 38.55 -11.49 -6.11
N SER A 305 39.00 -11.15 -7.32
CA SER A 305 39.81 -9.94 -7.53
C SER A 305 39.15 -9.16 -8.67
N MET A 306 39.83 -8.17 -9.24
CA MET A 306 39.26 -7.37 -10.33
C MET A 306 39.39 -8.04 -11.69
N GLU A 307 40.35 -8.94 -11.88
CA GLU A 307 40.47 -9.68 -13.14
C GLU A 307 39.34 -10.68 -13.21
N VAL A 308 38.90 -11.17 -12.04
CA VAL A 308 37.82 -12.12 -11.99
C VAL A 308 36.47 -11.44 -12.04
N LEU A 309 36.26 -10.45 -11.17
CA LEU A 309 34.97 -9.78 -11.10
C LEU A 309 34.64 -9.12 -12.43
N ARG A 310 35.63 -8.54 -13.09
CA ARG A 310 35.38 -7.91 -14.39
C ARG A 310 34.91 -8.94 -15.39
N ALA A 311 35.77 -9.90 -15.72
CA ALA A 311 35.43 -10.89 -16.73
C ALA A 311 34.11 -11.55 -16.42
N SER A 312 33.87 -11.86 -15.16
CA SER A 312 32.64 -12.55 -14.79
C SER A 312 31.46 -11.60 -14.63
N LEU A 313 31.67 -10.32 -14.87
CA LEU A 313 30.59 -9.36 -14.78
C LEU A 313 30.59 -8.48 -16.01
N GLN A 314 31.41 -8.82 -16.99
CA GLN A 314 31.50 -8.03 -18.22
C GLN A 314 30.26 -8.13 -19.07
N LYS A 315 29.71 -9.32 -19.21
CA LYS A 315 28.56 -9.50 -20.08
C LYS A 315 27.43 -8.61 -19.61
N GLU A 316 27.22 -8.54 -18.31
CA GLU A 316 26.16 -7.70 -17.77
C GLU A 316 26.46 -6.26 -18.11
N LEU A 317 27.72 -5.86 -17.98
CA LEU A 317 28.14 -4.48 -18.30
C LEU A 317 28.03 -4.09 -19.78
N GLN A 323 17.43 0.39 -19.78
CA GLN A 323 16.38 -0.29 -20.53
C GLN A 323 15.67 0.68 -21.47
N ALA A 324 14.67 0.17 -22.18
CA ALA A 324 13.91 1.01 -23.10
C ALA A 324 13.21 2.13 -22.35
N SER A 325 13.03 3.26 -23.01
CA SER A 325 12.35 4.39 -22.37
C SER A 325 10.91 4.03 -22.05
N ALA A 326 10.37 4.61 -20.99
CA ALA A 326 9.00 4.35 -20.62
C ALA A 326 8.07 4.72 -21.75
N MET A 327 8.46 5.72 -22.53
CA MET A 327 7.62 6.18 -23.63
C MET A 327 7.28 5.04 -24.57
N GLU A 328 8.27 4.21 -24.88
CA GLU A 328 8.04 3.13 -25.82
C GLU A 328 6.74 2.40 -25.53
N LEU A 329 6.40 2.25 -24.26
CA LEU A 329 5.19 1.51 -23.92
C LEU A 329 4.07 2.16 -24.70
N LEU A 330 4.00 3.48 -24.68
CA LEU A 330 2.99 4.19 -25.47
C LEU A 330 3.22 4.16 -26.98
N ARG A 331 4.46 4.30 -27.43
CA ARG A 331 4.75 4.39 -28.86
C ARG A 331 4.40 3.16 -29.68
N CYS A 332 4.74 1.97 -29.21
CA CYS A 332 4.50 0.76 -30.00
C CYS A 332 3.04 0.40 -29.87
N PRO A 333 2.37 0.03 -30.98
CA PRO A 333 0.97 -0.33 -30.77
C PRO A 333 0.84 -1.63 -29.99
N THR A 334 1.77 -2.57 -30.14
CA THR A 334 1.73 -3.85 -29.44
C THR A 334 1.87 -3.67 -27.94
N LEU A 335 2.77 -2.80 -27.53
CA LEU A 335 3.02 -2.62 -26.10
C LEU A 335 2.10 -1.58 -25.52
N ARG A 336 1.42 -0.80 -26.37
CA ARG A 336 0.44 0.16 -25.87
C ARG A 336 -0.81 -0.60 -25.49
N HIS A 337 -1.19 -1.61 -26.26
CA HIS A 337 -2.35 -2.42 -25.92
C HIS A 337 -2.14 -3.14 -24.61
N LEU A 338 -0.95 -3.66 -24.40
CA LEU A 338 -0.65 -4.40 -23.17
C LEU A 338 -0.54 -3.39 -22.04
N PHE A 339 -0.02 -2.19 -22.31
CA PHE A 339 0.04 -1.14 -21.30
C PHE A 339 -1.34 -0.71 -20.85
N LEU A 340 -2.18 -0.22 -21.73
CA LEU A 340 -3.52 0.24 -21.39
C LEU A 340 -4.27 -0.83 -20.62
N CYS A 341 -4.32 -2.06 -21.14
CA CYS A 341 -5.10 -3.10 -20.50
C CYS A 341 -4.63 -3.33 -19.10
N LEU A 342 -3.33 -3.47 -18.91
CA LEU A 342 -2.79 -3.74 -17.58
C LEU A 342 -2.96 -2.54 -16.67
N SER A 343 -2.86 -1.32 -17.16
CA SER A 343 -3.09 -0.14 -16.35
C SER A 343 -4.50 -0.13 -15.80
N MET A 344 -5.49 -0.55 -16.57
CA MET A 344 -6.84 -0.64 -16.04
C MET A 344 -6.92 -1.70 -14.97
N LEU A 345 -6.21 -2.80 -15.14
CA LEU A 345 -6.18 -3.85 -14.13
C LEU A 345 -5.52 -3.43 -12.82
N TRP A 346 -4.45 -2.66 -12.90
CA TRP A 346 -3.78 -2.19 -11.71
C TRP A 346 -4.54 -1.06 -11.06
N PHE A 347 -5.10 -0.13 -11.82
CA PHE A 347 -5.91 0.93 -11.24
C PHE A 347 -7.08 0.29 -10.54
N ALA A 348 -7.87 -0.53 -11.23
CA ALA A 348 -9.07 -1.10 -10.63
C ALA A 348 -8.83 -1.84 -9.34
N THR A 349 -7.81 -2.68 -9.28
CA THR A 349 -7.59 -3.46 -8.09
C THR A 349 -7.28 -2.57 -6.92
N SER A 350 -6.39 -1.59 -7.10
CA SER A 350 -6.07 -0.65 -6.04
C SER A 350 -7.20 0.26 -5.65
N PHE A 351 -7.91 0.76 -6.62
CA PHE A 351 -9.00 1.68 -6.35
C PHE A 351 -10.05 1.00 -5.52
N ALA A 352 -10.44 -0.21 -5.90
CA ALA A 352 -11.41 -0.97 -5.14
C ALA A 352 -10.90 -1.44 -3.81
N TYR A 353 -9.65 -1.88 -3.76
CA TYR A 353 -9.08 -2.40 -2.53
C TYR A 353 -9.01 -1.36 -1.47
N TYR A 354 -8.55 -0.18 -1.81
CA TYR A 354 -8.51 0.91 -0.84
C TYR A 354 -9.89 1.38 -0.49
N GLY A 355 -10.78 1.41 -1.45
CA GLY A 355 -12.15 1.77 -1.14
C GLY A 355 -12.71 0.89 -0.05
N LEU A 356 -12.59 -0.42 -0.18
CA LEU A 356 -13.09 -1.35 0.84
C LEU A 356 -12.32 -1.32 2.16
N VAL A 357 -10.99 -1.29 2.11
CA VAL A 357 -10.15 -1.33 3.31
C VAL A 357 -10.27 -0.07 4.13
N MET A 358 -10.61 1.05 3.50
CA MET A 358 -10.69 2.34 4.19
C MET A 358 -11.92 2.46 5.06
N ASP A 359 -12.98 1.72 4.77
CA ASP A 359 -14.31 1.94 5.37
C ASP A 359 -14.62 0.77 6.31
N LEU A 360 -13.98 0.73 7.49
CA LEU A 360 -14.19 -0.35 8.44
C LEU A 360 -15.37 -0.14 9.36
N GLN A 361 -15.84 1.08 9.53
CA GLN A 361 -16.89 1.37 10.53
C GLN A 361 -18.32 0.99 10.19
N GLY A 362 -18.69 1.05 8.92
CA GLY A 362 -20.07 0.79 8.52
C GLY A 362 -20.63 -0.60 8.74
N PHE A 363 -19.79 -1.62 8.80
CA PHE A 363 -20.26 -3.00 8.87
C PHE A 363 -21.09 -3.35 10.09
N GLY A 364 -20.89 -2.66 11.21
CA GLY A 364 -21.61 -2.95 12.43
C GLY A 364 -20.88 -3.83 13.41
N VAL A 365 -19.63 -4.16 13.13
CA VAL A 365 -18.81 -4.93 14.05
C VAL A 365 -17.70 -3.98 14.50
N SER A 366 -17.02 -4.28 15.60
CA SER A 366 -15.91 -3.48 16.08
C SER A 366 -14.92 -3.17 14.96
N ILE A 367 -14.26 -2.01 14.96
CA ILE A 367 -13.35 -1.66 13.89
C ILE A 367 -12.05 -2.43 14.09
N TYR A 368 -11.86 -3.04 15.26
CA TYR A 368 -10.64 -3.79 15.55
C TYR A 368 -10.80 -5.21 15.09
N LEU A 369 -11.96 -5.80 15.37
CA LEU A 369 -12.22 -7.15 14.89
C LEU A 369 -12.23 -7.18 13.37
N ILE A 370 -12.84 -6.20 12.73
CA ILE A 370 -12.88 -6.15 11.28
C ILE A 370 -11.49 -6.00 10.69
N GLN A 371 -10.61 -5.22 11.30
CA GLN A 371 -9.22 -5.13 10.82
C GLN A 371 -8.52 -6.47 10.93
N VAL A 372 -8.73 -7.18 12.04
CA VAL A 372 -8.13 -8.51 12.20
C VAL A 372 -8.69 -9.50 11.18
N ILE A 373 -9.99 -9.44 10.96
CA ILE A 373 -10.60 -10.31 9.97
C ILE A 373 -10.04 -9.94 8.61
N PHE A 374 -10.11 -8.67 8.26
CA PHE A 374 -9.63 -8.23 6.95
C PHE A 374 -8.20 -8.68 6.74
N GLY A 375 -7.39 -8.62 7.79
CA GLY A 375 -6.01 -9.06 7.69
C GLY A 375 -5.92 -10.56 7.49
N ALA A 376 -6.76 -11.32 8.18
CA ALA A 376 -6.72 -12.76 8.07
C ALA A 376 -7.02 -13.22 6.67
N VAL A 377 -8.10 -12.73 6.09
CA VAL A 377 -8.50 -13.16 4.75
C VAL A 377 -7.33 -13.25 3.80
N ASP A 378 -6.37 -12.35 3.95
CA ASP A 378 -5.27 -12.30 3.00
C ASP A 378 -4.48 -13.58 2.96
N LEU A 379 -4.51 -14.37 4.02
CA LEU A 379 -3.72 -15.58 4.09
C LEU A 379 -4.34 -16.75 3.31
N PRO A 380 -5.63 -17.02 3.51
CA PRO A 380 -6.25 -18.06 2.68
C PRO A 380 -6.50 -17.57 1.28
N ALA A 381 -6.65 -16.27 1.08
CA ALA A 381 -6.84 -15.73 -0.26
C ALA A 381 -5.62 -15.99 -1.10
N LYS A 382 -4.46 -15.57 -0.63
CA LYS A 382 -3.23 -15.76 -1.40
C LYS A 382 -2.96 -17.21 -1.75
N LEU A 383 -3.41 -18.15 -0.92
CA LEU A 383 -3.24 -19.55 -1.29
C LEU A 383 -4.22 -19.87 -2.40
N VAL A 384 -5.51 -19.74 -2.13
CA VAL A 384 -6.53 -20.01 -3.14
C VAL A 384 -6.15 -19.38 -4.46
N GLY A 385 -5.55 -18.20 -4.40
CA GLY A 385 -5.10 -17.55 -5.61
C GLY A 385 -4.01 -18.38 -6.24
N PHE A 386 -2.93 -18.62 -5.50
CA PHE A 386 -1.84 -19.41 -6.02
C PHE A 386 -2.36 -20.69 -6.66
N LEU A 387 -3.33 -21.33 -6.01
CA LEU A 387 -3.85 -22.57 -6.53
C LEU A 387 -4.57 -22.39 -7.86
N VAL A 388 -5.39 -21.35 -7.98
CA VAL A 388 -6.16 -21.11 -9.21
C VAL A 388 -5.26 -20.58 -10.29
N ILE A 389 -4.21 -19.86 -9.92
CA ILE A 389 -3.33 -19.26 -10.93
C ILE A 389 -2.37 -20.29 -11.52
N ASN A 390 -1.79 -21.14 -10.68
CA ASN A 390 -0.86 -22.15 -11.16
C ASN A 390 -1.58 -23.26 -11.90
N SER A 391 -2.86 -23.42 -11.64
CA SER A 391 -3.60 -24.52 -12.26
C SER A 391 -4.46 -24.09 -13.43
N LEU A 392 -5.54 -23.35 -13.17
CA LEU A 392 -6.47 -22.99 -14.25
C LEU A 392 -5.90 -22.05 -15.31
N GLY A 393 -5.26 -20.99 -14.88
CA GLY A 393 -4.65 -20.06 -15.81
C GLY A 393 -4.40 -18.79 -15.07
N ARG A 394 -3.68 -17.87 -15.67
CA ARG A 394 -3.31 -16.63 -15.00
C ARG A 394 -4.37 -15.60 -15.33
N ARG A 395 -5.03 -15.75 -16.47
CA ARG A 395 -6.11 -14.85 -16.89
C ARG A 395 -7.46 -15.26 -16.29
N PRO A 396 -7.83 -16.57 -16.30
CA PRO A 396 -9.08 -16.91 -15.62
C PRO A 396 -9.08 -16.47 -14.17
N ALA A 397 -7.96 -16.57 -13.49
CA ALA A 397 -7.87 -16.08 -12.11
C ALA A 397 -8.09 -14.59 -11.97
N GLN A 398 -7.65 -13.77 -12.93
CA GLN A 398 -7.85 -12.32 -12.88
C GLN A 398 -9.29 -11.91 -13.18
N MET A 399 -9.98 -12.60 -14.09
CA MET A 399 -11.39 -12.32 -14.34
C MET A 399 -12.16 -12.65 -13.08
N ALA A 400 -11.86 -13.78 -12.45
CA ALA A 400 -12.57 -14.25 -11.28
C ALA A 400 -12.29 -13.45 -10.03
N ALA A 401 -11.05 -13.09 -9.81
CA ALA A 401 -10.71 -12.29 -8.65
C ALA A 401 -11.31 -10.91 -8.71
N LEU A 402 -11.39 -10.32 -9.89
CA LEU A 402 -11.93 -8.97 -10.01
C LEU A 402 -13.44 -8.93 -10.15
N LEU A 403 -14.02 -9.85 -10.91
CA LEU A 403 -15.47 -9.89 -11.05
C LEU A 403 -16.14 -10.22 -9.74
N LEU A 404 -15.65 -11.24 -9.04
CA LEU A 404 -16.23 -11.61 -7.76
C LEU A 404 -16.09 -10.49 -6.74
N ALA A 405 -14.96 -9.80 -6.71
CA ALA A 405 -14.82 -8.66 -5.82
C ALA A 405 -15.83 -7.59 -6.17
N GLY A 406 -16.01 -7.31 -7.45
CA GLY A 406 -16.98 -6.33 -7.87
C GLY A 406 -18.39 -6.72 -7.52
N ILE A 407 -18.76 -7.99 -7.70
CA ILE A 407 -20.09 -8.45 -7.33
C ILE A 407 -20.29 -8.33 -5.83
N CYS A 408 -19.29 -8.69 -5.03
CA CYS A 408 -19.39 -8.55 -3.58
C CYS A 408 -19.51 -7.12 -3.09
N ILE A 409 -18.77 -6.18 -3.67
CA ILE A 409 -18.82 -4.78 -3.26
C ILE A 409 -20.14 -4.15 -3.67
N LEU A 410 -20.62 -4.46 -4.86
CA LEU A 410 -21.92 -3.94 -5.29
C LEU A 410 -23.07 -4.54 -4.49
N LEU A 411 -22.88 -5.75 -3.94
CA LEU A 411 -23.92 -6.36 -3.11
C LEU A 411 -23.80 -5.90 -1.69
N ASN A 412 -22.68 -5.27 -1.33
CA ASN A 412 -22.54 -4.70 -0.01
C ASN A 412 -23.33 -3.43 -0.09
N GLY A 413 -23.26 -2.77 -1.25
CA GLY A 413 -24.04 -1.56 -1.46
C GLY A 413 -25.54 -1.75 -1.46
N VAL A 414 -26.02 -2.83 -2.05
CA VAL A 414 -27.46 -3.10 -2.14
C VAL A 414 -28.04 -3.66 -0.84
N ILE A 415 -27.38 -4.63 -0.20
CA ILE A 415 -27.93 -5.26 1.00
C ILE A 415 -28.10 -4.24 2.11
N PRO A 416 -29.25 -4.29 2.82
CA PRO A 416 -29.50 -3.28 3.85
C PRO A 416 -28.52 -3.35 4.99
N GLN A 417 -28.11 -2.21 5.52
CA GLN A 417 -27.14 -2.19 6.60
C GLN A 417 -27.54 -3.07 7.76
N ASP A 418 -28.84 -3.18 8.03
CA ASP A 418 -29.30 -3.96 9.16
C ASP A 418 -28.55 -5.27 9.18
N GLN A 419 -28.33 -5.85 8.01
CA GLN A 419 -27.60 -7.10 7.92
C GLN A 419 -26.12 -6.83 8.11
N SER A 420 -25.57 -7.24 9.25
CA SER A 420 -24.15 -7.05 9.48
C SER A 420 -23.32 -8.25 9.05
N ILE A 421 -23.84 -9.44 9.28
CA ILE A 421 -23.12 -10.65 8.89
C ILE A 421 -23.09 -10.82 7.36
N VAL A 422 -24.19 -10.51 6.69
CA VAL A 422 -24.22 -10.61 5.24
C VAL A 422 -23.36 -9.53 4.64
N ARG A 423 -23.39 -8.33 5.19
CA ARG A 423 -22.49 -7.26 4.72
C ARG A 423 -21.03 -7.44 5.11
N THR A 424 -20.75 -7.91 6.31
CA THR A 424 -19.38 -8.12 6.74
C THR A 424 -18.79 -9.24 5.92
N SER A 425 -19.47 -10.39 5.81
CA SER A 425 -18.96 -11.53 5.06
C SER A 425 -18.66 -11.21 3.61
N LEU A 426 -19.52 -10.44 2.97
CA LEU A 426 -19.30 -10.05 1.58
C LEU A 426 -18.18 -9.04 1.43
N ALA A 427 -17.96 -8.16 2.39
CA ALA A 427 -16.82 -7.25 2.28
C ALA A 427 -15.55 -8.01 2.50
N VAL A 428 -15.57 -8.93 3.43
CA VAL A 428 -14.37 -9.75 3.73
C VAL A 428 -13.99 -10.63 2.54
N LEU A 429 -14.95 -11.26 1.88
CA LEU A 429 -14.65 -12.05 0.70
C LEU A 429 -14.13 -11.13 -0.37
N GLY A 430 -14.72 -9.95 -0.54
CA GLY A 430 -14.30 -9.02 -1.56
C GLY A 430 -12.89 -8.53 -1.37
N LYS A 431 -12.51 -8.21 -0.14
CA LYS A 431 -11.15 -7.78 0.15
C LYS A 431 -10.17 -8.89 -0.10
N GLY A 432 -10.55 -10.13 0.20
CA GLY A 432 -9.70 -11.27 -0.10
C GLY A 432 -9.49 -11.45 -1.59
N CYS A 433 -10.54 -11.27 -2.37
CA CYS A 433 -10.43 -11.38 -3.81
C CYS A 433 -9.54 -10.28 -4.40
N LEU A 434 -9.59 -9.06 -3.88
CA LEU A 434 -8.72 -7.98 -4.36
C LEU A 434 -7.29 -8.20 -3.91
N ALA A 435 -7.06 -8.90 -2.82
CA ALA A 435 -5.69 -9.24 -2.42
C ALA A 435 -5.15 -10.24 -3.39
N ALA A 436 -5.97 -11.20 -3.82
CA ALA A 436 -5.57 -12.17 -4.83
C ALA A 436 -5.29 -11.47 -6.15
N SER A 437 -6.07 -10.46 -6.52
CA SER A 437 -5.85 -9.73 -7.75
C SER A 437 -4.53 -9.00 -7.72
N PHE A 438 -4.11 -8.51 -6.57
CA PHE A 438 -2.81 -7.85 -6.46
C PHE A 438 -1.71 -8.85 -6.75
N ASN A 439 -1.81 -10.04 -6.19
CA ASN A 439 -0.77 -11.06 -6.38
C ASN A 439 -0.72 -11.56 -7.81
N CYS A 440 -1.86 -11.75 -8.45
CA CYS A 440 -1.87 -12.21 -9.83
C CYS A 440 -1.42 -11.13 -10.80
N ILE A 441 -1.83 -9.88 -10.58
CA ILE A 441 -1.48 -8.82 -11.52
C ILE A 441 0.03 -8.57 -11.50
N PHE A 442 0.71 -9.01 -10.45
CA PHE A 442 2.15 -8.88 -10.41
C PHE A 442 2.78 -9.94 -11.30
N LEU A 443 2.38 -11.20 -11.14
CA LEU A 443 2.88 -12.25 -12.01
C LEU A 443 2.44 -12.03 -13.43
N TYR A 444 1.17 -11.70 -13.62
CA TYR A 444 0.63 -11.49 -14.94
C TYR A 444 1.39 -10.40 -15.65
N THR A 445 1.75 -9.34 -14.93
CA THR A 445 2.38 -8.19 -15.58
C THR A 445 3.87 -8.38 -15.84
N GLY A 446 4.47 -9.38 -15.23
CA GLY A 446 5.90 -9.60 -15.40
C GLY A 446 6.14 -10.65 -16.45
N GLU A 447 5.09 -11.34 -16.84
CA GLU A 447 5.21 -12.37 -17.86
C GLU A 447 4.64 -11.87 -19.17
N LEU A 448 3.73 -10.91 -19.11
CA LEU A 448 3.19 -10.36 -20.33
C LEU A 448 4.21 -9.49 -21.02
N TYR A 449 5.01 -8.74 -20.27
CA TYR A 449 5.94 -7.80 -20.92
C TYR A 449 7.24 -8.42 -21.45
N PRO A 450 7.78 -7.90 -22.60
CA PRO A 450 9.06 -8.42 -23.06
C PRO A 450 10.18 -7.96 -22.18
N THR A 451 11.29 -8.68 -22.18
CA THR A 451 12.39 -8.38 -21.28
C THR A 451 12.86 -6.91 -21.33
N MET A 452 12.91 -6.32 -22.52
CA MET A 452 13.34 -4.93 -22.63
C MET A 452 12.51 -3.98 -21.78
N ILE A 453 11.17 -4.06 -21.88
CA ILE A 453 10.29 -3.11 -21.18
C ILE A 453 9.60 -3.72 -19.96
N ARG A 454 10.11 -4.81 -19.41
CA ARG A 454 9.43 -5.49 -18.30
C ARG A 454 9.54 -4.78 -16.96
N GLN A 455 10.67 -4.12 -16.70
CA GLN A 455 10.83 -3.38 -15.46
C GLN A 455 10.12 -2.04 -15.54
N THR A 456 10.14 -1.42 -16.71
CA THR A 456 9.41 -0.18 -16.89
C THR A 456 7.93 -0.49 -16.75
N GLY A 457 7.50 -1.62 -17.29
CA GLY A 457 6.10 -1.99 -17.26
C GLY A 457 5.55 -2.34 -15.90
N MET A 458 6.38 -2.89 -15.03
CA MET A 458 5.93 -3.23 -13.68
C MET A 458 5.90 -1.94 -12.88
N GLY A 459 6.82 -1.00 -13.12
CA GLY A 459 6.75 0.31 -12.49
C GLY A 459 5.57 1.15 -12.92
N MET A 460 5.24 1.15 -14.20
CA MET A 460 4.06 1.88 -14.67
C MET A 460 2.80 1.29 -14.09
N GLY A 461 2.74 -0.03 -14.01
CA GLY A 461 1.59 -0.66 -13.40
C GLY A 461 1.45 -0.29 -11.94
N SER A 462 2.54 -0.31 -11.19
CA SER A 462 2.48 0.09 -9.80
C SER A 462 2.14 1.56 -9.67
N THR A 463 2.57 2.39 -10.61
CA THR A 463 2.20 3.81 -10.60
C THR A 463 0.70 3.96 -10.77
N MET A 464 0.11 3.17 -11.66
CA MET A 464 -1.33 3.24 -11.85
C MET A 464 -2.04 2.73 -10.61
N ALA A 465 -1.41 1.83 -9.87
CA ALA A 465 -2.00 1.38 -8.62
C ALA A 465 -2.02 2.51 -7.62
N ARG A 466 -0.96 3.30 -7.59
CA ARG A 466 -0.91 4.42 -6.68
C ARG A 466 -1.87 5.52 -7.11
N VAL A 467 -2.13 5.67 -8.40
CA VAL A 467 -3.14 6.63 -8.84
C VAL A 467 -4.49 6.17 -8.35
N GLY A 468 -4.71 4.85 -8.29
CA GLY A 468 -5.96 4.31 -7.79
C GLY A 468 -6.17 4.67 -6.34
N SER A 469 -5.14 4.56 -5.54
CA SER A 469 -5.23 4.96 -4.15
C SER A 469 -5.48 6.46 -3.95
N ILE A 470 -4.91 7.32 -4.76
CA ILE A 470 -5.21 8.76 -4.70
C ILE A 470 -6.67 9.04 -5.07
N VAL A 471 -7.19 8.36 -6.09
CA VAL A 471 -8.55 8.62 -6.58
C VAL A 471 -9.60 8.01 -5.68
N SER A 472 -9.28 6.94 -4.97
CA SER A 472 -10.29 6.28 -4.16
C SER A 472 -10.86 7.15 -3.03
N PRO A 473 -10.03 7.83 -2.22
CA PRO A 473 -10.66 8.68 -1.21
C PRO A 473 -11.50 9.79 -1.82
N LEU A 474 -11.13 10.31 -2.99
CA LEU A 474 -11.89 11.36 -3.64
C LEU A 474 -13.26 10.82 -4.03
N VAL A 475 -13.35 9.58 -4.48
CA VAL A 475 -14.63 8.96 -4.81
C VAL A 475 -15.48 8.80 -3.56
N SER A 476 -14.86 8.44 -2.45
CA SER A 476 -15.59 8.27 -1.19
C SER A 476 -16.25 9.55 -0.78
N MET A 477 -15.69 10.71 -1.15
CA MET A 477 -16.32 11.99 -0.84
C MET A 477 -17.68 12.20 -1.50
N THR A 478 -18.11 11.30 -2.38
CA THR A 478 -19.42 11.38 -3.03
C THR A 478 -20.52 10.74 -2.19
N ALA A 479 -20.17 10.28 -0.99
CA ALA A 479 -21.15 9.69 -0.08
C ALA A 479 -22.21 10.72 0.23
N GLU A 480 -21.83 11.98 0.29
CA GLU A 480 -22.78 13.04 0.58
C GLU A 480 -23.86 13.08 -0.49
N LEU A 481 -23.46 12.90 -1.74
CA LEU A 481 -24.42 12.91 -2.84
C LEU A 481 -25.37 11.74 -2.67
N TYR A 482 -24.83 10.56 -2.36
CA TYR A 482 -25.65 9.36 -2.17
C TYR A 482 -24.86 8.38 -1.28
N PRO A 483 -25.47 7.85 -0.19
CA PRO A 483 -24.73 6.95 0.73
C PRO A 483 -24.12 5.74 0.05
N SER A 484 -24.75 5.23 -1.00
CA SER A 484 -24.24 4.05 -1.66
C SER A 484 -23.49 4.33 -2.95
N MET A 485 -23.35 5.60 -3.34
CA MET A 485 -22.56 5.91 -4.54
C MET A 485 -21.11 5.53 -4.41
N PRO A 486 -20.47 5.77 -3.25
CA PRO A 486 -19.10 5.29 -3.20
C PRO A 486 -18.97 3.80 -3.48
N LEU A 487 -19.84 2.94 -2.94
CA LEU A 487 -19.71 1.49 -3.12
C LEU A 487 -20.07 1.06 -4.53
N PHE A 488 -21.08 1.69 -5.13
CA PHE A 488 -21.47 1.31 -6.48
C PHE A 488 -20.34 1.56 -7.46
N ILE A 489 -19.49 2.54 -7.20
CA ILE A 489 -18.34 2.79 -8.06
C ILE A 489 -17.20 1.83 -7.75
N TYR A 490 -16.92 1.61 -6.47
CA TYR A 490 -15.85 0.71 -6.08
C TYR A 490 -16.16 -0.69 -6.52
N GLY A 491 -17.38 -0.90 -6.99
CA GLY A 491 -17.77 -2.20 -7.49
C GLY A 491 -17.78 -2.23 -9.00
N ALA A 492 -18.37 -1.22 -9.62
CA ALA A 492 -18.45 -1.18 -11.06
C ALA A 492 -17.08 -1.15 -11.73
N VAL A 493 -16.12 -0.43 -11.15
CA VAL A 493 -14.78 -0.39 -11.73
C VAL A 493 -14.10 -1.76 -11.78
N PRO A 494 -14.13 -2.57 -10.70
CA PRO A 494 -13.56 -3.92 -10.87
C PRO A 494 -14.33 -4.81 -11.84
N VAL A 495 -15.65 -4.69 -11.93
CA VAL A 495 -16.40 -5.47 -12.90
C VAL A 495 -15.96 -5.08 -14.31
N ALA A 496 -15.67 -3.81 -14.57
CA ALA A 496 -15.20 -3.39 -15.89
C ALA A 496 -13.79 -3.86 -16.16
N ALA A 497 -12.93 -3.85 -15.16
CA ALA A 497 -11.58 -4.36 -15.30
C ALA A 497 -11.57 -5.85 -15.61
N SER A 498 -12.47 -6.61 -15.00
CA SER A 498 -12.55 -8.01 -15.29
C SER A 498 -12.86 -8.23 -16.76
N ALA A 499 -13.69 -7.40 -17.34
CA ALA A 499 -13.99 -7.52 -18.75
C ALA A 499 -12.79 -7.17 -19.58
N VAL A 500 -11.94 -6.25 -19.13
CA VAL A 500 -10.67 -5.93 -19.83
C VAL A 500 -9.67 -7.09 -19.85
N THR A 501 -9.69 -7.99 -18.86
CA THR A 501 -8.70 -9.07 -18.81
C THR A 501 -8.89 -10.02 -19.97
N VAL A 502 -10.08 -10.03 -20.57
CA VAL A 502 -10.36 -10.93 -21.67
C VAL A 502 -9.41 -10.62 -22.79
N LEU A 503 -9.09 -9.34 -22.97
CA LEU A 503 -8.22 -8.92 -24.05
C LEU A 503 -6.79 -9.41 -23.88
N LEU A 504 -6.29 -9.45 -22.64
CA LEU A 504 -4.91 -9.85 -22.38
C LEU A 504 -4.68 -11.32 -22.75
N PRO A 505 -3.44 -11.71 -23.13
CA PRO A 505 -3.12 -13.08 -23.55
C PRO A 505 -2.67 -14.07 -22.45
N GLU A 506 -3.15 -15.31 -22.48
CA GLU A 506 -2.82 -16.29 -21.43
C GLU A 506 -1.32 -16.60 -21.34
N THR A 507 -0.74 -16.59 -20.13
CA THR A 507 0.69 -16.83 -19.95
C THR A 507 1.07 -18.17 -19.31
N LEU A 508 0.11 -19.03 -19.01
CA LEU A 508 0.43 -20.29 -18.34
C LEU A 508 1.08 -21.29 -19.28
N GLY A 509 2.28 -21.72 -18.96
CA GLY A 509 3.02 -22.66 -19.77
C GLY A 509 3.74 -22.06 -20.95
N GLN A 510 3.71 -20.74 -21.09
CA GLN A 510 4.40 -20.08 -22.18
C GLN A 510 5.67 -19.40 -21.69
N PRO A 511 6.78 -19.48 -22.47
CA PRO A 511 8.00 -18.86 -21.95
C PRO A 511 7.92 -17.35 -22.02
N LEU A 512 8.69 -16.65 -21.20
CA LEU A 512 8.59 -15.18 -21.15
C LEU A 512 9.06 -14.55 -22.47
N PRO A 513 8.38 -13.48 -22.94
CA PRO A 513 8.79 -12.94 -24.25
C PRO A 513 10.08 -12.15 -24.13
N ASP A 514 10.93 -12.13 -25.16
CA ASP A 514 12.16 -11.32 -25.14
C ASP A 514 12.06 -10.10 -26.06
N THR A 515 11.26 -10.17 -27.12
CA THR A 515 11.13 -9.04 -28.01
C THR A 515 9.67 -8.75 -28.31
N VAL A 516 9.40 -7.59 -28.88
CA VAL A 516 8.03 -7.28 -29.25
C VAL A 516 7.56 -8.37 -30.20
N GLN A 517 8.41 -8.74 -31.14
CA GLN A 517 8.06 -9.80 -32.08
C GLN A 517 7.81 -11.09 -31.32
N ASP A 518 8.63 -11.35 -30.30
CA ASP A 518 8.45 -12.54 -29.51
C ASP A 518 7.07 -12.52 -28.88
N LEU A 519 6.73 -11.38 -28.28
CA LEU A 519 5.43 -11.24 -27.66
C LEU A 519 4.36 -11.45 -28.70
N GLU A 520 4.55 -10.88 -29.88
CA GLU A 520 3.57 -11.02 -30.95
C GLU A 520 3.41 -12.47 -31.35
N SER A 521 4.52 -13.18 -31.43
CA SER A 521 4.46 -14.59 -31.81
C SER A 521 3.62 -15.36 -30.82
N ARG A 522 3.80 -15.07 -29.53
CA ARG A 522 3.05 -15.78 -28.50
C ARG A 522 2.90 -14.91 -27.25
C13 RTO B . -0.02 -5.27 -0.97
C15 RTO B . -2.19 -4.18 -0.82
C17 RTO B . -2.07 -6.70 -0.58
C01 RTO B . 2.84 -1.87 -5.05
C02 RTO B . 1.60 -0.99 -5.05
C03 RTO B . 0.45 -1.60 -4.23
C05 RTO B . -1.07 0.11 -3.23
C06 RTO B . -0.69 1.51 -3.75
C07 RTO B . -0.24 2.50 -2.65
C11 RTO B . -0.19 -2.85 -1.21
C12 RTO B . 0.59 -4.02 -1.18
C14 RTO B . -1.42 -5.37 -0.79
C16 RTO B . -1.58 -2.93 -1.03
N04 RTO B . 0.09 -0.78 -3.06
O09 RTO B . 2.05 -1.51 -1.53
O10 RTO B . 0.06 -0.33 -0.49
O18 RTO B . -1.54 -7.70 -1.09
O19 RTO B . -3.10 -6.78 0.12
S08 RTO B . 0.60 -1.28 -1.48
#